data_6SXJ
#
_entry.id   6SXJ
#
_cell.length_a   103.971
_cell.length_b   103.971
_cell.length_c   61.019
_cell.angle_alpha   90.000
_cell.angle_beta   90.000
_cell.angle_gamma   90.000
#
_symmetry.space_group_name_H-M   'I 4'
#
loop_
_entity.id
_entity.type
_entity.pdbx_description
1 polymer "Streptomycin 3''-adenylyltransferase"
2 non-polymer GLYCEROL
3 water water
#
_entity_poly.entity_id   1
_entity_poly.type   'polypeptide(L)'
_entity_poly.pdbx_seq_one_letter_code
;MRRIYLNTYEQINKVKKILRKHLKNNLIGTYMFGSGVESGLKPNSDLDFLVVVSEPLTDQSKEILIQKIRPISKKIGDKS
NLRYIELTIIIQQEMVPWNHPPKQEFIYGEWLQELYEQGYIPQKELNSDLTIMLYQAKRKNKRIYGNYDLEELLPDIPFS
DVRRAIMDSSEELIDNYQDDETNSILTLCRMILTMDTGKIIPKDIAGNAVAESSPLEHRERILLAVRSYLGENIEWTNEN
VNLTINYLNNRLKKLKGHHHHHH
;
_entity_poly.pdbx_strand_id   A
#
# COMPACT_ATOMS: atom_id res chain seq x y z
N LEU A 6 -1.85 -13.73 18.41
CA LEU A 6 -2.40 -14.23 17.16
C LEU A 6 -1.27 -14.53 16.16
N ASN A 7 -1.51 -15.55 15.33
CA ASN A 7 -0.55 -15.98 14.34
C ASN A 7 -0.87 -15.38 12.97
N THR A 8 0.07 -15.53 12.03
CA THR A 8 -0.22 -15.08 10.68
C THR A 8 -1.47 -15.75 10.13
N TYR A 9 -1.67 -17.03 10.46
CA TYR A 9 -2.77 -17.79 9.89
C TYR A 9 -4.10 -17.34 10.46
N GLU A 10 -4.17 -17.07 11.77
CA GLU A 10 -5.43 -16.61 12.33
C GLU A 10 -5.72 -15.17 11.89
N GLN A 11 -4.67 -14.34 11.76
CA GLN A 11 -4.85 -12.98 11.25
C GLN A 11 -5.63 -13.00 9.95
N ILE A 12 -5.14 -13.77 8.96
CA ILE A 12 -5.80 -13.82 7.67
C ILE A 12 -7.19 -14.42 7.80
N ASN A 13 -7.33 -15.46 8.62
CA ASN A 13 -8.62 -16.16 8.70
C ASN A 13 -9.68 -15.28 9.35
N LYS A 14 -9.32 -14.53 10.40
CA LYS A 14 -10.28 -13.63 11.02
C LYS A 14 -10.71 -12.53 10.06
N VAL A 15 -9.80 -12.05 9.22
CA VAL A 15 -10.18 -11.04 8.23
C VAL A 15 -11.20 -11.60 7.26
N LYS A 16 -11.00 -12.84 6.80
CA LYS A 16 -11.93 -13.45 5.86
C LYS A 16 -13.32 -13.58 6.46
N LYS A 17 -13.40 -13.97 7.73
CA LYS A 17 -14.70 -14.20 8.35
C LYS A 17 -15.38 -12.89 8.69
N ILE A 18 -14.60 -11.89 9.13
CA ILE A 18 -15.17 -10.55 9.32
C ILE A 18 -15.89 -10.12 8.06
N LEU A 19 -15.17 -10.12 6.94
CA LEU A 19 -15.74 -9.60 5.70
C LEU A 19 -16.98 -10.37 5.30
N ARG A 20 -16.96 -11.69 5.53
CA ARG A 20 -18.07 -12.54 5.15
C ARG A 20 -19.26 -12.32 6.07
N LYS A 21 -19.03 -12.35 7.38
CA LYS A 21 -20.13 -12.22 8.32
C LYS A 21 -20.86 -10.89 8.14
N HIS A 22 -20.13 -9.81 7.88
CA HIS A 22 -20.70 -8.47 7.93
C HIS A 22 -21.05 -7.91 6.56
N LEU A 23 -20.27 -8.21 5.53
CA LEU A 23 -20.64 -7.76 4.19
C LEU A 23 -21.65 -8.69 3.53
N LYS A 24 -21.82 -9.91 4.07
CA LYS A 24 -22.83 -10.88 3.64
C LYS A 24 -22.79 -10.98 2.11
N ASN A 25 -23.91 -10.83 1.41
CA ASN A 25 -23.96 -11.05 -0.03
C ASN A 25 -23.44 -9.86 -0.83
N ASN A 26 -23.05 -8.77 -0.20
CA ASN A 26 -22.42 -7.67 -0.92
C ASN A 26 -20.97 -7.97 -1.29
N LEU A 27 -20.39 -9.05 -0.74
CA LEU A 27 -18.98 -9.35 -0.92
C LEU A 27 -18.79 -10.19 -2.18
N ILE A 28 -18.05 -9.66 -3.15
CA ILE A 28 -17.76 -10.39 -4.38
C ILE A 28 -16.49 -11.22 -4.26
N GLY A 29 -15.43 -10.64 -3.71
CA GLY A 29 -14.17 -11.36 -3.63
C GLY A 29 -13.26 -10.76 -2.58
N THR A 30 -12.41 -11.61 -2.02
CA THR A 30 -11.39 -11.19 -1.07
C THR A 30 -10.05 -11.65 -1.61
N TYR A 31 -9.15 -10.71 -1.88
CA TYR A 31 -7.84 -11.01 -2.44
C TYR A 31 -6.75 -10.41 -1.57
N MET A 32 -5.62 -11.11 -1.53
CA MET A 32 -4.41 -10.57 -0.93
C MET A 32 -3.39 -10.29 -2.03
N PHE A 33 -2.58 -9.27 -1.84
CA PHE A 33 -1.59 -8.87 -2.82
C PHE A 33 -0.39 -8.27 -2.10
N GLY A 34 0.59 -7.84 -2.88
CA GLY A 34 1.72 -7.13 -2.33
C GLY A 34 2.90 -8.02 -1.99
N SER A 35 3.80 -7.45 -1.19
CA SER A 35 5.07 -8.12 -0.90
C SER A 35 4.86 -9.55 -0.41
N GLY A 36 3.80 -9.79 0.36
CA GLY A 36 3.58 -11.11 0.90
C GLY A 36 3.24 -12.14 -0.15
N VAL A 37 2.57 -11.72 -1.22
CA VAL A 37 2.21 -12.62 -2.31
C VAL A 37 3.29 -12.64 -3.38
N GLU A 38 3.89 -11.49 -3.65
CA GLU A 38 4.84 -11.39 -4.76
C GLU A 38 6.23 -11.89 -4.37
N SER A 39 6.63 -11.69 -3.12
CA SER A 39 7.97 -12.01 -2.67
C SER A 39 8.04 -13.13 -1.64
N GLY A 40 6.95 -13.43 -0.95
CA GLY A 40 7.00 -14.39 0.13
C GLY A 40 6.79 -13.72 1.47
N LEU A 41 6.28 -14.49 2.43
CA LEU A 41 5.87 -13.94 3.72
C LEU A 41 7.04 -13.90 4.67
N LYS A 42 7.79 -12.80 4.64
CA LYS A 42 8.77 -12.52 5.68
C LYS A 42 8.03 -12.16 6.97
N PRO A 43 8.64 -12.43 8.13
CA PRO A 43 8.02 -11.96 9.39
C PRO A 43 7.79 -10.45 9.43
N ASN A 44 8.42 -9.68 8.54
CA ASN A 44 8.26 -8.23 8.48
C ASN A 44 7.11 -7.79 7.58
N SER A 45 6.50 -8.72 6.84
CA SER A 45 5.60 -8.35 5.76
C SER A 45 4.22 -7.94 6.27
N ASP A 46 3.62 -6.97 5.58
CA ASP A 46 2.24 -6.60 5.82
C ASP A 46 1.30 -7.62 5.19
N LEU A 47 0.09 -7.68 5.73
CA LEU A 47 -1.03 -8.37 5.11
C LEU A 47 -1.89 -7.35 4.37
N ASP A 48 -1.84 -7.39 3.03
CA ASP A 48 -2.52 -6.42 2.17
C ASP A 48 -3.72 -7.09 1.52
N PHE A 49 -4.91 -6.55 1.77
CA PHE A 49 -6.15 -7.12 1.26
C PHE A 49 -6.82 -6.15 0.30
N LEU A 50 -7.25 -6.67 -0.85
CA LEU A 50 -8.17 -5.98 -1.75
C LEU A 50 -9.50 -6.70 -1.72
N VAL A 51 -10.57 -5.95 -1.45
CA VAL A 51 -11.91 -6.50 -1.33
C VAL A 51 -12.81 -5.80 -2.34
N VAL A 52 -13.65 -6.58 -3.01
CA VAL A 52 -14.54 -6.07 -4.04
C VAL A 52 -15.98 -6.36 -3.63
N VAL A 53 -16.83 -5.34 -3.77
CA VAL A 53 -18.23 -5.39 -3.35
C VAL A 53 -19.09 -4.93 -4.52
N SER A 54 -20.39 -5.16 -4.38
CA SER A 54 -21.34 -4.80 -5.42
C SER A 54 -21.87 -3.38 -5.25
N GLU A 55 -22.24 -2.99 -4.04
CA GLU A 55 -22.86 -1.71 -3.75
C GLU A 55 -22.14 -1.03 -2.60
N PRO A 56 -22.35 0.27 -2.43
CA PRO A 56 -21.69 1.00 -1.33
C PRO A 56 -22.03 0.39 0.03
N LEU A 57 -21.20 0.73 1.00
CA LEU A 57 -21.38 0.28 2.37
C LEU A 57 -21.92 1.42 3.22
N THR A 58 -22.92 1.10 4.04
CA THR A 58 -23.43 2.07 5.00
C THR A 58 -22.28 2.53 5.90
N ASP A 59 -22.47 3.69 6.53
CA ASP A 59 -21.49 4.15 7.51
C ASP A 59 -21.47 3.25 8.74
N GLN A 60 -22.53 2.46 8.95
CA GLN A 60 -22.47 1.44 10.00
C GLN A 60 -21.48 0.35 9.64
N SER A 61 -21.60 -0.21 8.43
CA SER A 61 -20.74 -1.32 8.03
C SER A 61 -19.27 -0.95 8.11
N LYS A 62 -18.93 0.30 7.76
CA LYS A 62 -17.54 0.72 7.82
C LYS A 62 -17.06 0.80 9.27
N GLU A 63 -17.90 1.31 10.17
CA GLU A 63 -17.53 1.34 11.58
C GLU A 63 -17.33 -0.08 12.13
N ILE A 64 -18.21 -1.01 11.74
CA ILE A 64 -18.05 -2.39 12.16
C ILE A 64 -16.70 -2.92 11.71
N LEU A 65 -16.40 -2.78 10.41
CA LEU A 65 -15.14 -3.25 9.87
C LEU A 65 -13.97 -2.66 10.66
N ILE A 66 -13.99 -1.36 10.90
CA ILE A 66 -12.93 -0.76 11.69
C ILE A 66 -12.88 -1.38 13.07
N GLN A 67 -14.04 -1.56 13.69
CA GLN A 67 -14.09 -2.09 15.05
C GLN A 67 -13.56 -3.51 15.09
N LYS A 68 -13.96 -4.34 14.12
CA LYS A 68 -13.60 -5.75 14.14
C LYS A 68 -12.18 -5.98 13.62
N ILE A 69 -11.68 -5.11 12.74
CA ILE A 69 -10.32 -5.33 12.25
C ILE A 69 -9.29 -4.84 13.26
N ARG A 70 -9.62 -3.79 14.01
CA ARG A 70 -8.60 -3.15 14.83
C ARG A 70 -7.95 -4.09 15.84
N PRO A 71 -8.67 -4.98 16.53
CA PRO A 71 -8.02 -5.80 17.57
C PRO A 71 -7.04 -6.81 16.99
N ILE A 72 -7.16 -7.17 15.73
CA ILE A 72 -6.37 -8.25 15.16
C ILE A 72 -5.27 -7.74 14.25
N SER A 73 -5.07 -6.42 14.20
CA SER A 73 -4.01 -5.83 13.40
C SER A 73 -2.94 -5.27 14.32
N LYS A 74 -1.69 -5.31 13.86
CA LYS A 74 -0.60 -4.71 14.60
C LYS A 74 -0.87 -3.22 14.80
N LYS A 75 -0.44 -2.69 15.93
CA LYS A 75 -0.44 -1.25 16.18
C LYS A 75 0.98 -0.73 16.11
N ILE A 76 1.11 0.50 15.59
CA ILE A 76 2.41 1.08 15.33
C ILE A 76 3.25 1.07 16.60
N GLY A 77 4.54 0.82 16.44
CA GLY A 77 5.48 0.88 17.55
C GLY A 77 5.15 -0.06 18.69
N ASP A 78 4.16 -0.93 18.51
CA ASP A 78 3.99 -2.04 19.43
C ASP A 78 5.04 -3.11 19.14
N LYS A 79 5.65 -3.62 20.21
CA LYS A 79 6.72 -4.61 20.03
C LYS A 79 6.18 -6.02 19.86
N SER A 80 4.92 -6.14 19.45
CA SER A 80 4.29 -7.42 19.28
C SER A 80 4.90 -8.15 18.07
N ASN A 81 4.33 -9.30 17.73
CA ASN A 81 4.73 -10.05 16.55
C ASN A 81 3.64 -10.04 15.48
N LEU A 82 2.52 -9.36 15.73
CA LEU A 82 1.47 -9.25 14.73
C LEU A 82 1.99 -8.54 13.48
N ARG A 83 1.24 -8.68 12.39
CA ARG A 83 1.51 -7.95 11.17
C ARG A 83 0.52 -6.80 11.02
N TYR A 84 0.91 -5.78 10.26
CA TYR A 84 -0.03 -4.73 9.90
C TYR A 84 -1.04 -5.29 8.91
N ILE A 85 -2.31 -4.98 9.12
CA ILE A 85 -3.36 -5.24 8.13
C ILE A 85 -3.67 -3.94 7.39
N GLU A 86 -3.64 -3.99 6.07
CA GLU A 86 -4.11 -2.92 5.21
C GLU A 86 -5.18 -3.51 4.32
N LEU A 87 -6.35 -2.89 4.30
CA LEU A 87 -7.49 -3.43 3.55
C LEU A 87 -8.21 -2.31 2.82
N THR A 88 -8.37 -2.48 1.51
CA THR A 88 -9.07 -1.54 0.65
C THR A 88 -10.30 -2.22 0.05
N ILE A 89 -11.39 -1.46 -0.06
CA ILE A 89 -12.64 -1.94 -0.64
C ILE A 89 -12.95 -1.09 -1.86
N ILE A 90 -13.20 -1.75 -2.98
CA ILE A 90 -13.68 -1.09 -4.18
C ILE A 90 -15.02 -1.69 -4.59
N ILE A 91 -15.84 -0.87 -5.24
CA ILE A 91 -17.08 -1.29 -5.87
C ILE A 91 -16.77 -1.65 -7.30
N GLN A 92 -17.19 -2.85 -7.73
CA GLN A 92 -16.82 -3.29 -9.07
C GLN A 92 -17.29 -2.29 -10.13
N GLN A 93 -18.55 -1.83 -10.02
CA GLN A 93 -19.13 -1.00 -11.07
C GLN A 93 -18.47 0.37 -11.15
N GLU A 94 -17.91 0.84 -10.04
CA GLU A 94 -17.26 2.15 -10.02
C GLU A 94 -15.94 2.16 -10.79
N MET A 95 -15.44 1.01 -11.20
CA MET A 95 -14.20 0.96 -11.96
C MET A 95 -14.40 0.98 -13.47
N VAL A 96 -15.65 0.97 -13.93
CA VAL A 96 -15.96 0.96 -15.36
C VAL A 96 -16.82 2.19 -15.66
N PRO A 97 -16.49 2.97 -16.70
CA PRO A 97 -15.26 2.85 -17.51
C PRO A 97 -14.04 3.24 -16.67
N TRP A 98 -12.88 2.67 -16.94
CA TRP A 98 -11.72 2.98 -16.13
C TRP A 98 -11.44 4.47 -16.16
N ASN A 99 -11.14 5.04 -14.99
CA ASN A 99 -10.83 6.47 -14.89
C ASN A 99 -9.82 6.68 -13.80
N HIS A 100 -8.69 7.30 -14.14
CA HIS A 100 -7.71 7.66 -13.13
C HIS A 100 -7.94 9.10 -12.69
N PRO A 101 -8.00 9.38 -11.38
CA PRO A 101 -7.84 8.44 -10.25
C PRO A 101 -9.12 7.67 -9.93
N PRO A 102 -8.99 6.44 -9.44
CA PRO A 102 -10.18 5.60 -9.25
C PRO A 102 -10.89 5.88 -7.94
N LYS A 103 -12.13 5.41 -7.87
CA LYS A 103 -12.94 5.55 -6.67
C LYS A 103 -12.63 4.43 -5.67
N GLN A 104 -12.55 4.82 -4.40
CA GLN A 104 -12.20 3.95 -3.29
C GLN A 104 -13.30 4.07 -2.24
N GLU A 105 -13.91 2.94 -1.89
CA GLU A 105 -15.08 2.93 -1.01
C GLU A 105 -14.72 2.95 0.47
N PHE A 106 -13.58 2.40 0.85
CA PHE A 106 -13.25 2.22 2.25
C PHE A 106 -11.79 1.81 2.33
N ILE A 107 -11.13 2.23 3.41
CA ILE A 107 -9.76 1.85 3.67
C ILE A 107 -9.61 1.60 5.17
N TYR A 108 -9.14 0.41 5.53
CA TYR A 108 -8.56 0.17 6.84
C TYR A 108 -7.05 0.30 6.72
N GLY A 109 -6.46 1.10 7.60
CA GLY A 109 -5.03 1.33 7.62
C GLY A 109 -4.61 1.91 8.96
N GLU A 110 -3.47 1.46 9.49
CA GLU A 110 -3.08 1.85 10.84
C GLU A 110 -2.64 3.31 10.91
N TRP A 111 -2.17 3.90 9.81
CA TRP A 111 -1.87 5.33 9.80
C TRP A 111 -3.10 6.18 10.08
N LEU A 112 -4.30 5.59 10.04
CA LEU A 112 -5.55 6.28 10.27
C LEU A 112 -6.13 6.03 11.66
N GLN A 113 -5.40 5.32 12.53
CA GLN A 113 -5.97 4.91 13.80
C GLN A 113 -6.33 6.11 14.67
N GLU A 114 -5.41 7.07 14.81
CA GLU A 114 -5.71 8.26 15.61
C GLU A 114 -7.02 8.90 15.15
N LEU A 115 -7.19 9.03 13.83
CA LEU A 115 -8.43 9.58 13.30
C LEU A 115 -9.61 8.66 13.56
N TYR A 116 -9.41 7.33 13.42
CA TYR A 116 -10.48 6.40 13.77
C TYR A 116 -10.97 6.68 15.19
N GLU A 117 -10.04 6.90 16.11
CA GLU A 117 -10.41 7.19 17.49
C GLU A 117 -11.19 8.48 17.61
N GLN A 118 -10.99 9.43 16.68
CA GLN A 118 -11.74 10.67 16.67
C GLN A 118 -13.08 10.56 15.96
N GLY A 119 -13.54 9.33 15.68
CA GLY A 119 -14.77 9.13 14.95
C GLY A 119 -14.63 9.16 13.45
N TYR A 120 -13.42 9.36 12.92
CA TYR A 120 -13.27 9.43 11.48
C TYR A 120 -13.77 8.15 10.82
N ILE A 121 -14.43 8.32 9.69
CA ILE A 121 -15.14 7.24 9.02
C ILE A 121 -14.82 7.35 7.53
N PRO A 122 -14.06 6.42 6.95
CA PRO A 122 -13.71 6.57 5.53
C PRO A 122 -14.93 6.75 4.65
N GLN A 123 -14.92 7.80 3.84
CA GLN A 123 -15.95 8.10 2.88
C GLN A 123 -15.42 7.83 1.48
N LYS A 124 -16.34 7.67 0.53
CA LYS A 124 -15.92 7.48 -0.86
C LYS A 124 -14.95 8.60 -1.24
N GLU A 125 -13.81 8.21 -1.78
CA GLU A 125 -12.80 9.19 -2.17
C GLU A 125 -12.08 8.71 -3.41
N LEU A 126 -11.35 9.63 -4.03
CA LEU A 126 -10.51 9.33 -5.18
C LEU A 126 -9.10 9.16 -4.69
N ASN A 127 -8.42 8.11 -5.17
CA ASN A 127 -7.11 7.74 -4.64
C ASN A 127 -6.22 7.36 -5.81
N SER A 128 -5.38 8.31 -6.25
CA SER A 128 -4.48 8.03 -7.35
C SER A 128 -3.57 6.84 -7.05
N ASP A 129 -3.22 6.63 -5.78
CA ASP A 129 -2.34 5.53 -5.44
C ASP A 129 -3.00 4.19 -5.68
N LEU A 130 -4.33 4.13 -5.59
CA LEU A 130 -5.04 2.88 -5.82
C LEU A 130 -4.85 2.37 -7.23
N THR A 131 -4.51 3.26 -8.18
CA THR A 131 -4.23 2.79 -9.53
C THR A 131 -2.99 1.89 -9.56
N ILE A 132 -2.01 2.17 -8.71
CA ILE A 132 -0.82 1.33 -8.65
C ILE A 132 -1.13 0.02 -7.93
N MET A 133 -2.03 0.07 -6.95
CA MET A 133 -2.42 -1.13 -6.22
C MET A 133 -3.19 -2.07 -7.13
N LEU A 134 -4.23 -1.56 -7.79
CA LEU A 134 -5.01 -2.39 -8.70
C LEU A 134 -4.12 -2.94 -9.81
N TYR A 135 -3.16 -2.15 -10.28
CA TYR A 135 -2.21 -2.67 -11.26
C TYR A 135 -1.37 -3.78 -10.66
N GLN A 136 -0.83 -3.56 -9.46
CA GLN A 136 -0.07 -4.60 -8.76
C GLN A 136 -0.93 -5.83 -8.53
N ALA A 137 -2.08 -5.64 -7.87
CA ALA A 137 -2.94 -6.77 -7.54
C ALA A 137 -3.37 -7.53 -8.79
N LYS A 138 -3.74 -6.80 -9.84
CA LYS A 138 -4.23 -7.45 -11.06
C LYS A 138 -3.19 -8.38 -11.66
N ARG A 139 -1.91 -8.07 -11.51
CA ARG A 139 -0.86 -8.89 -12.11
C ARG A 139 -0.52 -10.09 -11.24
N LYS A 140 -0.57 -9.95 -9.91
CA LYS A 140 -0.34 -11.09 -9.03
C LYS A 140 -1.13 -10.89 -7.75
N ASN A 141 -2.03 -11.83 -7.47
CA ASN A 141 -2.84 -11.79 -6.27
C ASN A 141 -3.13 -13.22 -5.84
N LYS A 142 -3.65 -13.37 -4.62
CA LYS A 142 -4.17 -14.64 -4.12
C LYS A 142 -5.63 -14.46 -3.78
N ARG A 143 -6.50 -15.19 -4.48
CA ARG A 143 -7.92 -15.20 -4.17
C ARG A 143 -8.17 -16.09 -2.96
N ILE A 144 -8.74 -15.52 -1.89
CA ILE A 144 -9.09 -16.27 -0.70
C ILE A 144 -10.59 -16.34 -0.48
N TYR A 145 -11.38 -15.67 -1.31
CA TYR A 145 -12.82 -15.87 -1.30
C TYR A 145 -13.39 -15.27 -2.57
N GLY A 146 -14.41 -15.93 -3.14
CA GLY A 146 -15.11 -15.37 -4.27
C GLY A 146 -15.15 -16.32 -5.45
N ASN A 147 -16.10 -16.13 -6.35
CA ASN A 147 -16.28 -17.02 -7.49
C ASN A 147 -15.49 -16.57 -8.72
N TYR A 148 -14.79 -15.43 -8.66
CA TYR A 148 -14.12 -14.88 -9.82
C TYR A 148 -12.68 -14.48 -9.48
N ASP A 149 -11.80 -14.64 -10.46
CA ASP A 149 -10.46 -14.09 -10.35
C ASP A 149 -10.53 -12.57 -10.44
N LEU A 150 -9.59 -11.90 -9.78
CA LEU A 150 -9.62 -10.44 -9.73
C LEU A 150 -9.65 -9.85 -11.13
N GLU A 151 -8.82 -10.38 -12.04
CA GLU A 151 -8.73 -9.82 -13.38
C GLU A 151 -10.09 -9.80 -14.08
N GLU A 152 -11.00 -10.69 -13.69
CA GLU A 152 -12.33 -10.70 -14.27
C GLU A 152 -13.21 -9.59 -13.74
N LEU A 153 -12.84 -8.96 -12.64
CA LEU A 153 -13.65 -7.94 -12.01
C LEU A 153 -13.12 -6.53 -12.24
N LEU A 154 -12.01 -6.40 -12.97
CA LEU A 154 -11.36 -5.11 -13.19
C LEU A 154 -11.08 -4.91 -14.68
N PRO A 155 -11.35 -3.71 -15.21
CA PRO A 155 -10.99 -3.44 -16.60
C PRO A 155 -9.48 -3.39 -16.79
N ASP A 156 -9.06 -3.47 -18.05
CA ASP A 156 -7.66 -3.22 -18.37
C ASP A 156 -7.28 -1.84 -17.86
N ILE A 157 -6.16 -1.75 -17.17
CA ILE A 157 -5.70 -0.49 -16.61
C ILE A 157 -4.48 -0.04 -17.43
N PRO A 158 -4.57 1.05 -18.18
CA PRO A 158 -3.41 1.49 -18.98
C PRO A 158 -2.23 1.80 -18.08
N PHE A 159 -1.06 1.27 -18.46
CA PHE A 159 0.14 1.59 -17.70
C PHE A 159 0.43 3.09 -17.71
N SER A 160 -0.06 3.82 -18.71
CA SER A 160 0.11 5.27 -18.71
C SER A 160 -0.52 5.89 -17.47
N ASP A 161 -1.68 5.36 -17.04
CA ASP A 161 -2.30 5.85 -15.81
C ASP A 161 -1.45 5.49 -14.60
N VAL A 162 -0.76 4.36 -14.64
CA VAL A 162 0.15 4.02 -13.55
C VAL A 162 1.29 5.01 -13.50
N ARG A 163 1.77 5.43 -14.65
CA ARG A 163 2.79 6.47 -14.68
C ARG A 163 2.25 7.78 -14.11
N ARG A 164 1.15 8.25 -14.64
CA ARG A 164 0.55 9.42 -14.04
C ARG A 164 0.42 9.27 -12.53
N ALA A 165 0.12 8.06 -12.06
CA ALA A 165 -0.04 7.82 -10.63
C ALA A 165 1.26 8.03 -9.88
N ILE A 166 2.34 7.39 -10.34
CA ILE A 166 3.62 7.49 -9.65
C ILE A 166 4.11 8.93 -9.60
N MET A 167 4.03 9.65 -10.72
CA MET A 167 4.56 11.00 -10.76
C MET A 167 3.78 11.93 -9.82
N ASP A 168 2.46 11.81 -9.82
CA ASP A 168 1.67 12.69 -8.96
C ASP A 168 1.98 12.43 -7.49
N SER A 169 2.26 11.18 -7.13
CA SER A 169 2.58 10.86 -5.74
C SER A 169 3.96 11.38 -5.36
N SER A 170 4.93 11.27 -6.27
CA SER A 170 6.25 11.81 -6.00
C SER A 170 6.20 13.33 -5.79
N GLU A 171 5.30 14.01 -6.51
CA GLU A 171 5.26 15.47 -6.46
C GLU A 171 4.94 15.96 -5.05
N GLU A 172 4.03 15.28 -4.36
CA GLU A 172 3.75 15.61 -2.97
C GLU A 172 4.73 14.95 -2.02
N LEU A 173 5.35 13.85 -2.45
CA LEU A 173 6.34 13.16 -1.61
C LEU A 173 7.55 14.05 -1.35
N ILE A 174 8.04 14.74 -2.37
CA ILE A 174 9.20 15.61 -2.21
C ILE A 174 8.91 16.75 -1.25
N ASP A 175 7.63 17.09 -1.06
CA ASP A 175 7.24 18.20 -0.19
C ASP A 175 6.91 17.75 1.23
N ASN A 176 6.92 16.44 1.47
CA ASN A 176 6.43 15.88 2.73
C ASN A 176 7.29 14.71 3.17
N TYR A 177 8.59 14.87 3.03
CA TYR A 177 9.52 13.87 3.53
C TYR A 177 10.03 14.20 4.92
N GLN A 178 9.90 15.46 5.35
CA GLN A 178 10.22 15.86 6.71
C GLN A 178 9.54 14.92 7.70
N ASP A 179 10.32 13.98 8.27
CA ASP A 179 9.96 13.16 9.43
C ASP A 179 9.43 11.77 9.08
N ASP A 180 9.13 11.53 7.81
CA ASP A 180 8.95 10.16 7.32
C ASP A 180 10.01 9.91 6.26
N GLU A 181 11.27 10.26 6.58
CA GLU A 181 12.34 10.26 5.58
C GLU A 181 12.51 8.88 4.95
N THR A 182 12.65 7.85 5.79
CA THR A 182 12.94 6.51 5.28
C THR A 182 11.90 6.07 4.27
N ASN A 183 10.61 6.28 4.60
CA ASN A 183 9.56 5.89 3.66
C ASN A 183 9.74 6.62 2.32
N SER A 184 9.95 7.93 2.37
CA SER A 184 9.99 8.72 1.14
C SER A 184 11.15 8.32 0.25
N ILE A 185 12.34 8.15 0.84
CA ILE A 185 13.51 7.76 0.05
C ILE A 185 13.24 6.44 -0.66
N LEU A 186 12.82 5.43 0.09
CA LEU A 186 12.67 4.10 -0.51
C LEU A 186 11.45 4.01 -1.40
N THR A 187 10.39 4.75 -1.08
CA THR A 187 9.27 4.86 -2.02
C THR A 187 9.75 5.34 -3.38
N LEU A 188 10.51 6.44 -3.40
CA LEU A 188 11.07 6.94 -4.66
C LEU A 188 11.94 5.87 -5.32
N CYS A 189 12.74 5.16 -4.53
CA CYS A 189 13.54 4.07 -5.09
C CYS A 189 12.64 3.00 -5.71
N ARG A 190 11.64 2.55 -4.96
CA ARG A 190 10.61 1.69 -5.53
C ARG A 190 10.00 2.34 -6.78
N MET A 191 9.64 3.63 -6.66
CA MET A 191 9.00 4.34 -7.76
C MET A 191 9.84 4.27 -9.03
N ILE A 192 11.16 4.36 -8.90
CA ILE A 192 12.04 4.42 -10.05
C ILE A 192 12.09 3.06 -10.76
N LEU A 193 12.24 1.99 -9.97
CA LEU A 193 12.28 0.65 -10.54
C LEU A 193 11.04 0.39 -11.39
N THR A 194 9.84 0.58 -10.82
CA THR A 194 8.64 0.19 -11.51
C THR A 194 8.41 1.02 -12.77
N MET A 195 8.88 2.27 -12.83
CA MET A 195 8.66 3.04 -14.05
C MET A 195 9.58 2.61 -15.17
N ASP A 196 10.71 1.93 -14.88
CA ASP A 196 11.54 1.44 -15.97
C ASP A 196 11.16 -0.01 -16.27
N THR A 197 11.72 -0.97 -15.52
CA THR A 197 11.51 -2.39 -15.80
C THR A 197 10.03 -2.69 -16.01
N GLY A 198 9.23 -2.44 -14.98
CA GLY A 198 7.78 -2.62 -15.08
C GLY A 198 7.17 -3.32 -13.89
N LYS A 199 8.01 -3.78 -12.97
CA LYS A 199 7.57 -4.59 -11.85
C LYS A 199 7.69 -3.80 -10.54
N ILE A 200 6.80 -4.10 -9.61
CA ILE A 200 6.85 -3.54 -8.26
C ILE A 200 7.63 -4.51 -7.38
N ILE A 201 8.39 -3.97 -6.42
CA ILE A 201 9.15 -4.81 -5.50
C ILE A 201 9.19 -4.15 -4.13
N PRO A 202 9.68 -4.84 -3.10
CA PRO A 202 9.63 -4.28 -1.75
C PRO A 202 10.63 -3.14 -1.58
N LYS A 203 10.34 -2.29 -0.60
CA LYS A 203 11.15 -1.09 -0.39
C LYS A 203 12.61 -1.45 -0.12
N ASP A 204 12.85 -2.31 0.87
CA ASP A 204 14.22 -2.60 1.27
C ASP A 204 15.03 -3.18 0.12
N ILE A 205 14.40 -3.97 -0.76
CA ILE A 205 15.14 -4.51 -1.90
C ILE A 205 15.31 -3.46 -2.98
N ALA A 206 14.29 -2.61 -3.16
CA ALA A 206 14.42 -1.50 -4.11
C ALA A 206 15.47 -0.51 -3.65
N GLY A 207 15.63 -0.34 -2.34
CA GLY A 207 16.61 0.62 -1.83
C GLY A 207 18.04 0.24 -2.18
N ASN A 208 18.41 -1.02 -1.96
CA ASN A 208 19.74 -1.49 -2.28
C ASN A 208 19.96 -1.67 -3.77
N ALA A 209 18.88 -1.87 -4.55
CA ALA A 209 19.03 -1.94 -5.99
C ALA A 209 19.28 -0.56 -6.59
N VAL A 210 18.60 0.48 -6.10
CA VAL A 210 18.79 1.82 -6.64
C VAL A 210 20.06 2.46 -6.07
N ALA A 211 20.35 2.23 -4.79
CA ALA A 211 21.57 2.77 -4.20
C ALA A 211 22.80 2.35 -4.98
N GLU A 212 22.80 1.12 -5.51
CA GLU A 212 23.93 0.64 -6.28
C GLU A 212 24.19 1.52 -7.50
N SER A 213 23.13 1.98 -8.15
CA SER A 213 23.23 2.78 -9.36
C SER A 213 23.32 4.27 -9.07
N SER A 214 23.65 4.66 -7.84
CA SER A 214 23.53 6.04 -7.40
C SER A 214 24.86 6.58 -6.87
N PRO A 215 25.13 7.88 -7.05
CA PRO A 215 26.39 8.45 -6.55
C PRO A 215 26.55 8.23 -5.05
N LEU A 216 27.80 8.04 -4.64
CA LEU A 216 28.12 7.60 -3.28
C LEU A 216 27.29 8.30 -2.21
N GLU A 217 27.35 9.63 -2.18
CA GLU A 217 26.66 10.38 -1.12
C GLU A 217 25.19 9.96 -1.03
N HIS A 218 24.55 9.77 -2.18
CA HIS A 218 23.15 9.35 -2.20
C HIS A 218 23.00 7.89 -1.83
N ARG A 219 23.89 7.03 -2.32
CA ARG A 219 23.88 5.63 -1.92
C ARG A 219 24.02 5.49 -0.41
N GLU A 220 25.03 6.15 0.17
CA GLU A 220 25.19 6.14 1.62
C GLU A 220 23.87 6.41 2.33
N ARG A 221 23.17 7.49 1.92
CA ARG A 221 21.92 7.84 2.60
C ARG A 221 20.81 6.83 2.29
N ILE A 222 20.77 6.29 1.08
CA ILE A 222 19.74 5.34 0.72
C ILE A 222 19.88 4.06 1.55
N LEU A 223 21.12 3.58 1.73
CA LEU A 223 21.34 2.40 2.53
C LEU A 223 21.08 2.66 4.02
N LEU A 224 21.30 3.89 4.49
CA LEU A 224 20.92 4.23 5.86
C LEU A 224 19.40 4.26 6.02
N ALA A 225 18.65 4.36 4.92
CA ALA A 225 17.20 4.24 5.00
C ALA A 225 16.76 2.79 5.09
N VAL A 226 17.44 1.88 4.38
CA VAL A 226 17.12 0.47 4.48
C VAL A 226 17.16 0.01 5.93
N ARG A 227 18.24 0.36 6.64
CA ARG A 227 18.41 -0.08 8.01
C ARG A 227 17.24 0.35 8.89
N SER A 228 16.89 1.64 8.84
CA SER A 228 15.79 2.14 9.65
C SER A 228 14.48 1.39 9.35
N TYR A 229 14.23 1.12 8.08
CA TYR A 229 13.04 0.36 7.70
C TYR A 229 13.02 -1.01 8.36
N LEU A 230 14.19 -1.57 8.65
CA LEU A 230 14.31 -2.84 9.36
C LEU A 230 14.51 -2.66 10.86
N GLY A 231 14.17 -1.49 11.38
CA GLY A 231 14.19 -1.26 12.82
C GLY A 231 15.09 -0.12 13.26
N GLU A 232 16.37 -0.22 12.93
CA GLU A 232 17.40 0.69 13.37
C GLU A 232 16.95 2.14 13.55
N ASN A 233 17.30 2.74 14.69
CA ASN A 233 17.02 4.15 14.94
C ASN A 233 18.15 4.97 14.33
N ILE A 234 17.82 5.77 13.30
CA ILE A 234 18.83 6.40 12.48
C ILE A 234 18.98 7.90 12.74
N GLU A 235 17.91 8.59 13.12
CA GLU A 235 18.04 10.00 13.50
C GLU A 235 18.58 10.83 12.34
N TRP A 236 17.70 11.28 11.45
CA TRP A 236 18.09 11.96 10.24
C TRP A 236 18.38 13.44 10.44
N THR A 237 18.37 13.93 11.68
CA THR A 237 18.35 15.38 11.90
C THR A 237 19.58 16.08 11.36
N ASN A 238 20.65 15.35 11.01
CA ASN A 238 21.84 15.95 10.44
C ASN A 238 22.19 15.40 9.06
N GLU A 239 21.53 14.35 8.60
CA GLU A 239 21.72 13.89 7.22
C GLU A 239 21.07 14.87 6.25
N ASN A 240 21.67 14.99 5.07
CA ASN A 240 21.18 15.89 4.03
C ASN A 240 20.22 15.13 3.12
N VAL A 241 19.02 14.87 3.67
CA VAL A 241 18.02 14.11 2.94
C VAL A 241 17.53 14.88 1.73
N ASN A 242 17.55 16.20 1.80
CA ASN A 242 17.07 17.01 0.68
C ASN A 242 17.79 16.63 -0.62
N LEU A 243 19.10 16.44 -0.55
CA LEU A 243 19.89 16.21 -1.76
C LEU A 243 19.49 14.89 -2.43
N THR A 244 19.34 13.83 -1.65
CA THR A 244 19.00 12.54 -2.24
C THR A 244 17.57 12.56 -2.78
N ILE A 245 16.64 13.14 -2.02
CA ILE A 245 15.27 13.31 -2.53
C ILE A 245 15.31 14.00 -3.88
N ASN A 246 16.04 15.12 -3.97
CA ASN A 246 16.20 15.82 -5.24
C ASN A 246 16.80 14.90 -6.30
N TYR A 247 17.87 14.20 -5.93
CA TYR A 247 18.50 13.27 -6.87
C TYR A 247 17.51 12.22 -7.36
N LEU A 248 16.83 11.55 -6.42
CA LEU A 248 15.90 10.50 -6.81
C LEU A 248 14.74 11.06 -7.64
N ASN A 249 14.26 12.24 -7.28
CA ASN A 249 13.15 12.84 -8.02
C ASN A 249 13.56 13.16 -9.45
N ASN A 250 14.70 13.84 -9.62
CA ASN A 250 15.16 14.15 -10.97
C ASN A 250 15.43 12.88 -11.76
N ARG A 251 16.15 11.91 -11.17
CA ARG A 251 16.31 10.62 -11.81
C ARG A 251 14.97 10.04 -12.26
N LEU A 252 13.95 10.17 -11.40
CA LEU A 252 12.63 9.66 -11.75
C LEU A 252 11.98 10.48 -12.86
N LYS A 253 12.12 11.81 -12.80
CA LYS A 253 11.50 12.67 -13.80
C LYS A 253 11.98 12.38 -15.22
N LYS A 254 13.14 11.72 -15.38
CA LYS A 254 13.60 11.25 -16.67
C LYS A 254 12.98 9.93 -17.08
N LEU A 255 11.90 9.53 -16.40
CA LEU A 255 11.28 8.21 -16.58
C LEU A 255 12.29 7.13 -16.96
#